data_4KMT
#
_entry.id   4KMT
#
_cell.length_a   63.670
_cell.length_b   73.830
_cell.length_c   103.050
_cell.angle_alpha   90.00
_cell.angle_beta   90.00
_cell.angle_gamma   90.00
#
_symmetry.space_group_name_H-M   'P 21 21 21'
#
loop_
_entity.id
_entity.type
_entity.pdbx_description
1 polymer 'light chain O12/KAPPA'
2 polymer 'heavy chain 5-51/CNTO888/IGG1'
3 non-polymer '2-[N-CYCLOHEXYLAMINO]ETHANE SULFONIC ACID'
4 non-polymer 'SULFATE ION'
5 non-polymer GLYCEROL
6 water water
#
loop_
_entity_poly.entity_id
_entity_poly.type
_entity_poly.pdbx_seq_one_letter_code
_entity_poly.pdbx_strand_id
1 'polypeptide(L)'
;DIQMTQSPSSLSASVGDRVTITCRASQSISSYLNWYQQKPGKAPKLLIYAASSLQSGVPSRFSGSGSGTDFTLTISSLQP
EDFATYYCQQSYSTPLTFGQGTKVEVKRTVAAPSVFIFPPSDEQLKSGTASVVCLLNNFYPREAKVQWKVDNALQSGNSQ
ESVTEQDSKDSTYSLSSTLTLSKADYEKHKVYACEVTHQGLSSPVTKSFNRGEC
;
L
2 'polypeptide(L)'
;EVQLVQSGAEVKKPGESLKISCKGSGYSFTSYWIGWVRQMPGKGLEWMGIIYPGDSDTRYSPSFQGQVTISADKSISTAY
LQWSSLKASDTAMYYCARYDGIYGELDFWGQGTLVTVSSASTKGPSVFPLAPSSKSTSGGTAALGCLVKDYFPEPVTVSW
NSGALTSGVHTFPAVLQSSGLYSLSSVVTVPSSSLGTQTYICNVNHKPSNTKVDKKVEPKSCHHHHHH
;
H
#
loop_
_chem_comp.id
_chem_comp.type
_chem_comp.name
_chem_comp.formula
GOL non-polymer GLYCEROL 'C3 H8 O3'
NHE non-polymer '2-[N-CYCLOHEXYLAMINO]ETHANE SULFONIC ACID' 'C8 H17 N O3 S'
SO4 non-polymer 'SULFATE ION' 'O4 S -2'
#
# COMPACT_ATOMS: atom_id res chain seq x y z
N ASP A 1 22.10 5.50 -15.82
CA ASP A 1 23.31 6.35 -16.04
C ASP A 1 23.26 7.66 -15.24
N ILE A 2 22.06 8.10 -14.88
CA ILE A 2 21.88 9.27 -14.01
C ILE A 2 21.00 8.90 -12.82
N GLN A 3 21.57 8.99 -11.61
CA GLN A 3 20.85 8.63 -10.39
C GLN A 3 20.24 9.84 -9.71
N MET A 4 18.96 9.71 -9.36
CA MET A 4 18.23 10.77 -8.67
C MET A 4 18.05 10.39 -7.21
N THR A 5 18.52 11.26 -6.31
CA THR A 5 18.40 11.06 -4.87
C THR A 5 17.48 12.10 -4.25
N GLN A 6 16.36 11.63 -3.71
CA GLN A 6 15.40 12.48 -3.01
C GLN A 6 15.64 12.49 -1.50
N SER A 7 15.43 13.65 -0.89
CA SER A 7 15.48 13.78 0.57
C SER A 7 14.45 14.80 1.07
N PRO A 8 13.78 14.51 2.20
CA PRO A 8 13.89 13.24 2.94
C PRO A 8 13.06 12.16 2.27
N SER A 9 13.19 10.91 2.72
CA SER A 9 12.36 9.82 2.20
C SER A 9 10.94 9.92 2.77
N SER A 10 10.80 10.55 3.93
CA SER A 10 9.51 10.75 4.59
C SER A 10 9.48 12.07 5.35
N LEU A 11 8.32 12.72 5.34
CA LEU A 11 8.17 14.04 5.92
C LEU A 11 6.84 14.19 6.65
N SER A 12 6.90 14.77 7.85
CA SER A 12 5.71 15.09 8.63
C SER A 12 5.57 16.60 8.73
N ALA A 13 4.38 17.12 8.44
CA ALA A 13 4.13 18.56 8.56
C ALA A 13 2.65 18.89 8.80
N SER A 14 2.42 19.99 9.49
CA SER A 14 1.08 20.46 9.81
C SER A 14 0.43 21.12 8.60
N VAL A 15 -0.90 21.22 8.63
CA VAL A 15 -1.64 21.98 7.61
C VAL A 15 -1.21 23.45 7.69
N GLY A 16 -0.81 24.00 6.55
CA GLY A 16 -0.34 25.39 6.49
C GLY A 16 1.16 25.57 6.62
N ASP A 17 1.87 24.48 6.90
CA ASP A 17 3.33 24.50 6.95
C ASP A 17 3.94 24.62 5.57
N ARG A 18 5.14 25.18 5.50
CA ARG A 18 5.94 25.18 4.29
C ARG A 18 6.68 23.86 4.21
N VAL A 19 6.52 23.16 3.08
CA VAL A 19 7.17 21.88 2.87
C VAL A 19 8.15 21.98 1.71
N THR A 20 9.37 21.48 1.93
CA THR A 20 10.40 21.48 0.91
C THR A 20 10.98 20.08 0.74
N ILE A 21 10.98 19.60 -0.51
CA ILE A 21 11.53 18.31 -0.87
C ILE A 21 12.66 18.51 -1.87
N THR A 22 13.78 17.85 -1.61
CA THR A 22 15.00 18.02 -2.41
C THR A 22 15.24 16.83 -3.33
N CYS A 23 15.73 17.11 -4.53
CA CYS A 23 16.11 16.08 -5.48
C CYS A 23 17.51 16.40 -6.05
N ARG A 24 18.41 15.41 -6.01
CA ARG A 24 19.77 15.59 -6.50
C ARG A 24 20.12 14.60 -7.61
N ALA A 25 20.71 15.10 -8.69
CA ALA A 25 21.14 14.27 -9.83
C ALA A 25 22.64 13.99 -9.76
N SER A 26 23.03 12.82 -10.24
CA SER A 26 24.44 12.41 -10.26
C SER A 26 25.30 13.21 -11.25
N GLN A 27 24.64 13.94 -12.15
CA GLN A 27 25.29 14.90 -13.05
C GLN A 27 24.29 15.98 -13.45
N SER A 28 24.80 17.08 -14.00
CA SER A 28 23.96 18.18 -14.44
C SER A 28 22.93 17.73 -15.46
N ILE A 29 21.67 18.01 -15.18
CA ILE A 29 20.58 17.65 -16.07
C ILE A 29 19.87 18.88 -16.63
N SER A 30 20.59 20.02 -16.64
CA SER A 30 20.04 21.30 -17.08
C SER A 30 18.77 21.62 -16.26
N SER A 31 17.64 21.79 -16.93
CA SER A 31 16.38 22.03 -16.25
C SER A 31 15.34 20.93 -16.52
N TYR A 32 15.77 19.81 -17.07
CA TYR A 32 14.86 18.72 -17.43
C TYR A 32 14.52 17.86 -16.22
N LEU A 33 13.82 18.46 -15.27
CA LEU A 33 13.44 17.81 -14.03
C LEU A 33 11.94 17.95 -13.81
N ASN A 34 11.27 16.81 -13.61
CA ASN A 34 9.82 16.77 -13.39
C ASN A 34 9.44 16.30 -11.99
N TRP A 35 8.32 16.82 -11.48
CA TRP A 35 7.77 16.40 -10.20
C TRP A 35 6.37 15.81 -10.38
N TYR A 36 6.14 14.66 -9.76
CA TYR A 36 4.84 14.00 -9.81
C TYR A 36 4.25 13.81 -8.41
N GLN A 37 2.92 13.84 -8.33
CA GLN A 37 2.22 13.55 -7.08
C GLN A 37 1.47 12.23 -7.21
N GLN A 38 1.60 11.36 -6.21
CA GLN A 38 0.86 10.10 -6.17
C GLN A 38 0.11 9.92 -4.86
N LYS A 39 -1.22 9.85 -4.95
CA LYS A 39 -2.05 9.54 -3.79
C LYS A 39 -2.28 8.02 -3.73
N PRO A 40 -2.53 7.49 -2.52
CA PRO A 40 -2.72 6.03 -2.36
C PRO A 40 -3.84 5.48 -3.21
N GLY A 41 -3.54 4.44 -3.97
CA GLY A 41 -4.52 3.79 -4.86
C GLY A 41 -4.74 4.50 -6.18
N LYS A 42 -3.92 5.51 -6.47
CA LYS A 42 -4.08 6.32 -7.68
C LYS A 42 -2.79 6.41 -8.51
N ALA A 43 -2.94 6.76 -9.78
CA ALA A 43 -1.82 6.96 -10.69
C ALA A 43 -1.05 8.24 -10.35
N PRO A 44 0.27 8.28 -10.65
CA PRO A 44 1.02 9.53 -10.51
C PRO A 44 0.43 10.65 -11.37
N LYS A 45 0.61 11.88 -10.93
CA LYS A 45 0.05 13.04 -11.59
C LYS A 45 1.14 14.10 -11.71
N LEU A 46 1.33 14.62 -12.92
CA LEU A 46 2.34 15.67 -13.16
C LEU A 46 2.00 16.98 -12.46
N LEU A 47 2.95 17.47 -11.66
CA LEU A 47 2.80 18.75 -10.97
C LEU A 47 3.63 19.84 -11.63
N ILE A 48 4.89 19.54 -11.89
CA ILE A 48 5.88 20.51 -12.35
C ILE A 48 6.77 19.88 -13.42
N TYR A 49 6.99 20.63 -14.50
CA TYR A 49 7.87 20.21 -15.57
C TYR A 49 8.93 21.28 -15.81
N ALA A 50 10.03 20.90 -16.44
CA ALA A 50 11.17 21.79 -16.68
C ALA A 50 11.60 22.52 -15.40
N ALA A 51 11.63 21.76 -14.29
CA ALA A 51 12.11 22.22 -12.99
C ALA A 51 11.21 23.19 -12.21
N SER A 52 10.53 24.10 -12.92
CA SER A 52 9.82 25.21 -12.27
C SER A 52 8.49 25.61 -12.90
N SER A 53 8.14 25.01 -14.04
CA SER A 53 6.89 25.33 -14.71
C SER A 53 5.73 24.50 -14.16
N LEU A 54 4.66 25.18 -13.75
CA LEU A 54 3.48 24.53 -13.22
C LEU A 54 2.61 23.96 -14.34
N GLN A 55 2.20 22.71 -14.18
CA GLN A 55 1.21 22.11 -15.06
C GLN A 55 -0.12 22.83 -14.85
N SER A 56 -0.86 23.06 -15.94
CA SER A 56 -2.17 23.71 -15.84
C SER A 56 -3.11 22.86 -14.99
N GLY A 57 -3.84 23.52 -14.09
CA GLY A 57 -4.72 22.85 -13.15
C GLY A 57 -4.13 22.77 -11.75
N VAL A 58 -2.80 22.78 -11.66
CA VAL A 58 -2.09 22.68 -10.39
C VAL A 58 -2.11 24.03 -9.65
N PRO A 59 -2.52 24.04 -8.37
CA PRO A 59 -2.56 25.27 -7.56
C PRO A 59 -1.18 25.91 -7.39
N SER A 60 -1.18 27.24 -7.23
CA SER A 60 0.06 28.02 -7.19
C SER A 60 0.88 27.83 -5.90
N ARG A 61 0.36 27.06 -4.95
CA ARG A 61 1.11 26.74 -3.74
C ARG A 61 2.27 25.77 -4.03
N PHE A 62 2.19 25.10 -5.18
CA PHE A 62 3.27 24.26 -5.67
C PHE A 62 4.23 25.08 -6.52
N SER A 63 5.52 24.97 -6.22
CA SER A 63 6.56 25.58 -7.03
C SER A 63 7.84 24.75 -7.00
N GLY A 64 8.65 24.90 -8.04
CA GLY A 64 9.92 24.21 -8.13
C GLY A 64 11.03 25.18 -8.46
N SER A 65 12.24 24.84 -8.03
CA SER A 65 13.41 25.64 -8.33
C SER A 65 14.62 24.73 -8.44
N GLY A 66 15.67 25.23 -9.10
CA GLY A 66 16.92 24.50 -9.24
C GLY A 66 17.32 24.26 -10.68
N SER A 67 18.62 24.09 -10.89
CA SER A 67 19.20 23.76 -12.18
C SER A 67 20.47 22.94 -11.94
N GLY A 68 20.98 22.28 -12.98
CA GLY A 68 22.20 21.48 -12.85
C GLY A 68 21.95 20.20 -12.08
N THR A 69 22.43 20.13 -10.83
CA THR A 69 22.32 18.90 -10.04
C THR A 69 21.34 18.96 -8.87
N ASP A 70 20.92 20.16 -8.46
CA ASP A 70 20.12 20.31 -7.24
C ASP A 70 18.78 20.98 -7.49
N PHE A 71 17.71 20.34 -7.02
CA PHE A 71 16.34 20.79 -7.27
C PHE A 71 15.48 20.66 -6.03
N THR A 72 14.52 21.56 -5.87
CA THR A 72 13.60 21.49 -4.75
C THR A 72 12.17 21.72 -5.18
N LEU A 73 11.26 20.90 -4.66
CA LEU A 73 9.83 21.15 -4.77
C LEU A 73 9.37 21.80 -3.47
N THR A 74 8.60 22.88 -3.60
CA THR A 74 8.04 23.55 -2.44
C THR A 74 6.51 23.52 -2.47
N ILE A 75 5.91 23.16 -1.35
CA ILE A 75 4.47 23.41 -1.12
C ILE A 75 4.40 24.49 -0.06
N SER A 76 3.99 25.69 -0.48
CA SER A 76 4.06 26.89 0.36
C SER A 76 3.21 26.80 1.63
N SER A 77 2.01 26.26 1.51
CA SER A 77 1.12 26.06 2.66
C SER A 77 0.30 24.78 2.50
N LEU A 78 0.69 23.74 3.22
CA LEU A 78 0.06 22.42 3.14
C LEU A 78 -1.45 22.45 3.30
N GLN A 79 -2.12 21.67 2.46
CA GLN A 79 -3.56 21.43 2.58
C GLN A 79 -3.81 19.92 2.70
N PRO A 80 -4.95 19.53 3.31
CA PRO A 80 -5.28 18.10 3.48
C PRO A 80 -5.09 17.25 2.22
N GLU A 81 -5.47 17.78 1.07
CA GLU A 81 -5.34 17.06 -0.21
C GLU A 81 -3.90 16.85 -0.69
N ASP A 82 -2.95 17.63 -0.13
CA ASP A 82 -1.55 17.57 -0.58
C ASP A 82 -0.79 16.39 0.01
N PHE A 83 -1.41 15.70 0.96
CA PHE A 83 -0.77 14.55 1.58
C PHE A 83 -0.76 13.37 0.63
N ALA A 84 0.45 12.95 0.27
CA ALA A 84 0.69 12.05 -0.85
C ALA A 84 2.17 11.72 -0.93
N THR A 85 2.55 10.96 -1.94
CA THR A 85 3.95 10.68 -2.20
C THR A 85 4.38 11.45 -3.45
N TYR A 86 5.58 12.01 -3.40
CA TYR A 86 6.08 12.88 -4.45
C TYR A 86 7.37 12.32 -5.03
N TYR A 87 7.45 12.32 -6.36
CA TYR A 87 8.62 11.80 -7.07
C TYR A 87 9.19 12.86 -8.01
N CYS A 88 10.51 13.04 -7.96
CA CYS A 88 11.20 13.77 -9.02
C CYS A 88 11.60 12.78 -10.10
N GLN A 89 11.87 13.28 -11.30
CA GLN A 89 12.20 12.45 -12.45
C GLN A 89 12.98 13.28 -13.47
N GLN A 90 14.17 12.81 -13.83
CA GLN A 90 14.94 13.47 -14.88
C GLN A 90 14.54 12.94 -16.25
N SER A 91 14.39 13.84 -17.21
CA SER A 91 14.16 13.46 -18.59
C SER A 91 15.21 14.10 -19.48
N TYR A 92 16.38 14.36 -18.88
CA TYR A 92 17.52 14.94 -19.58
C TYR A 92 18.22 13.94 -20.49
N SER A 93 18.39 12.70 -20.01
CA SER A 93 19.11 11.69 -20.77
C SER A 93 18.60 10.29 -20.48
N THR A 94 18.48 9.49 -21.55
CA THR A 94 18.10 8.09 -21.44
C THR A 94 19.22 7.27 -20.80
N PRO A 95 18.86 6.30 -19.94
CA PRO A 95 17.50 5.98 -19.50
C PRO A 95 16.93 7.02 -18.53
N LEU A 96 15.65 7.34 -18.69
CA LEU A 96 14.98 8.27 -17.80
C LEU A 96 14.84 7.62 -16.43
N THR A 97 15.03 8.40 -15.37
CA THR A 97 15.08 7.84 -14.02
C THR A 97 14.28 8.66 -13.02
N PHE A 98 13.70 7.97 -12.05
CA PHE A 98 12.91 8.58 -10.99
C PHE A 98 13.72 8.66 -9.68
N GLY A 99 13.39 9.64 -8.86
CA GLY A 99 13.84 9.66 -7.47
C GLY A 99 13.05 8.61 -6.70
N GLN A 100 13.53 8.27 -5.51
CA GLN A 100 12.94 7.16 -4.74
C GLN A 100 11.58 7.51 -4.12
N GLY A 101 11.23 8.79 -4.13
CA GLY A 101 9.95 9.25 -3.60
C GLY A 101 10.03 9.81 -2.20
N THR A 102 9.11 10.72 -1.89
CA THR A 102 9.01 11.33 -0.57
C THR A 102 7.56 11.29 -0.14
N LYS A 103 7.28 10.62 0.98
CA LYS A 103 5.94 10.58 1.53
C LYS A 103 5.72 11.78 2.43
N VAL A 104 4.64 12.52 2.19
CA VAL A 104 4.26 13.65 3.02
C VAL A 104 2.99 13.29 3.79
N GLU A 105 3.10 13.25 5.11
CA GLU A 105 1.97 12.91 5.98
C GLU A 105 1.66 14.02 6.99
N VAL A 106 0.46 13.99 7.55
CA VAL A 106 -0.03 15.06 8.42
C VAL A 106 0.54 14.97 9.82
N LYS A 107 1.10 16.08 10.30
CA LYS A 107 1.55 16.16 11.69
C LYS A 107 0.39 16.53 12.60
N ARG A 108 0.34 15.88 13.76
CA ARG A 108 -0.63 16.17 14.81
C ARG A 108 0.05 15.94 16.15
N THR A 109 -0.65 16.25 17.24
CA THR A 109 -0.13 15.95 18.58
C THR A 109 0.13 14.46 18.75
N VAL A 110 1.24 14.14 19.41
CA VAL A 110 1.59 12.75 19.69
C VAL A 110 0.46 12.08 20.48
N ALA A 111 0.05 10.90 20.03
CA ALA A 111 -1.00 10.13 20.69
C ALA A 111 -0.55 8.69 20.90
N ALA A 112 -0.63 8.25 22.15
CA ALA A 112 -0.24 6.89 22.51
C ALA A 112 -1.30 5.91 22.02
N PRO A 113 -0.87 4.71 21.58
CA PRO A 113 -1.84 3.72 21.12
C PRO A 113 -2.66 3.17 22.28
N SER A 114 -3.90 2.81 22.00
CA SER A 114 -4.71 1.99 22.88
C SER A 114 -4.47 0.56 22.44
N VAL A 115 -4.08 -0.30 23.39
CA VAL A 115 -3.61 -1.64 23.06
C VAL A 115 -4.58 -2.74 23.48
N PHE A 116 -4.82 -3.67 22.56
CA PHE A 116 -5.75 -4.78 22.76
C PHE A 116 -5.09 -6.07 22.30
N ILE A 117 -5.37 -7.17 22.99
CA ILE A 117 -4.84 -8.48 22.59
C ILE A 117 -5.98 -9.49 22.40
N PHE A 118 -5.82 -10.36 21.41
CA PHE A 118 -6.82 -11.37 21.12
C PHE A 118 -6.19 -12.76 21.08
N PRO A 119 -6.66 -13.67 21.95
CA PRO A 119 -6.29 -15.09 21.87
C PRO A 119 -6.81 -15.72 20.57
N PRO A 120 -6.18 -16.83 20.12
CA PRO A 120 -6.72 -17.53 18.96
C PRO A 120 -8.08 -18.13 19.29
N SER A 121 -8.91 -18.36 18.28
CA SER A 121 -10.22 -18.98 18.47
C SER A 121 -10.08 -20.50 18.59
N ASP A 122 -11.07 -21.14 19.18
CA ASP A 122 -11.12 -22.60 19.26
C ASP A 122 -11.29 -23.21 17.86
N GLU A 123 -12.04 -22.53 17.00
CA GLU A 123 -12.22 -23.00 15.62
C GLU A 123 -10.87 -23.07 14.92
N GLN A 124 -10.08 -22.01 15.01
CA GLN A 124 -8.76 -22.01 14.37
C GLN A 124 -7.86 -23.10 14.94
N LEU A 125 -7.84 -23.23 16.27
CA LEU A 125 -7.01 -24.24 16.93
C LEU A 125 -7.26 -25.65 16.42
N LYS A 126 -8.52 -25.93 16.06
CA LYS A 126 -8.89 -27.22 15.47
C LYS A 126 -8.20 -27.50 14.12
N SER A 127 -7.75 -26.43 13.44
CA SER A 127 -7.09 -26.58 12.15
C SER A 127 -5.58 -26.81 12.28
N GLY A 128 -5.05 -26.64 13.49
CA GLY A 128 -3.63 -26.91 13.76
C GLY A 128 -2.74 -25.69 13.82
N THR A 129 -3.34 -24.50 13.78
CA THR A 129 -2.60 -23.23 13.82
C THR A 129 -3.23 -22.29 14.85
N ALA A 130 -2.39 -21.49 15.50
CA ALA A 130 -2.84 -20.47 16.42
C ALA A 130 -2.40 -19.10 15.93
N SER A 131 -3.36 -18.20 15.75
CA SER A 131 -3.05 -16.80 15.45
C SER A 131 -3.40 -15.94 16.66
N VAL A 132 -2.40 -15.26 17.19
CA VAL A 132 -2.61 -14.35 18.31
C VAL A 132 -2.47 -12.94 17.76
N VAL A 133 -3.46 -12.10 18.02
CA VAL A 133 -3.51 -10.77 17.41
C VAL A 133 -3.40 -9.65 18.44
N CYS A 134 -2.56 -8.67 18.14
CA CYS A 134 -2.42 -7.49 18.98
C CYS A 134 -2.78 -6.23 18.19
N LEU A 135 -3.68 -5.42 18.74
CA LEU A 135 -4.13 -4.20 18.10
C LEU A 135 -3.61 -2.95 18.83
N LEU A 136 -2.98 -2.06 18.05
CA LEU A 136 -2.56 -0.76 18.52
C LEU A 136 -3.43 0.27 17.82
N ASN A 137 -4.30 0.92 18.57
CA ASN A 137 -5.32 1.75 17.97
C ASN A 137 -5.11 3.25 18.13
N ASN A 138 -5.33 3.97 17.03
CA ASN A 138 -5.38 5.43 16.98
C ASN A 138 -4.17 6.16 17.59
N PHE A 139 -2.98 5.87 17.06
CA PHE A 139 -1.75 6.46 17.58
C PHE A 139 -1.05 7.36 16.57
N TYR A 140 -0.17 8.23 17.08
CA TYR A 140 0.70 9.08 16.27
C TYR A 140 1.98 9.43 17.05
N PRO A 141 3.16 9.41 16.38
CA PRO A 141 3.44 9.12 14.97
C PRO A 141 3.33 7.63 14.60
N ARG A 142 3.52 7.35 13.31
CA ARG A 142 3.41 6.00 12.75
C ARG A 142 4.35 4.98 13.39
N GLU A 143 5.56 5.43 13.73
CA GLU A 143 6.61 4.55 14.26
C GLU A 143 6.20 3.93 15.61
N ALA A 144 6.18 2.60 15.65
CA ALA A 144 5.77 1.85 16.83
C ALA A 144 6.44 0.49 16.82
N LYS A 145 6.72 -0.05 18.01
CA LYS A 145 7.35 -1.35 18.11
C LYS A 145 6.48 -2.32 18.91
N VAL A 146 6.16 -3.45 18.27
CA VAL A 146 5.46 -4.55 18.93
C VAL A 146 6.44 -5.67 19.25
N GLN A 147 6.49 -6.06 20.51
CA GLN A 147 7.31 -7.21 20.92
C GLN A 147 6.44 -8.30 21.55
N TRP A 148 6.32 -9.43 20.83
CA TRP A 148 5.60 -10.59 21.33
C TRP A 148 6.47 -11.35 22.33
N LYS A 149 5.84 -11.80 23.41
CA LYS A 149 6.49 -12.62 24.42
C LYS A 149 5.63 -13.83 24.75
N VAL A 150 6.26 -15.00 24.77
CA VAL A 150 5.59 -16.24 25.15
C VAL A 150 6.38 -16.84 26.30
N ASP A 151 5.74 -16.94 27.47
CA ASP A 151 6.42 -17.31 28.72
C ASP A 151 7.76 -16.59 28.88
N ASN A 152 7.74 -15.26 28.69
CA ASN A 152 8.93 -14.39 28.79
C ASN A 152 9.96 -14.50 27.66
N ALA A 153 9.80 -15.46 26.77
CA ALA A 153 10.68 -15.58 25.61
C ALA A 153 10.25 -14.59 24.54
N LEU A 154 11.17 -13.72 24.13
CA LEU A 154 10.88 -12.72 23.10
C LEU A 154 10.81 -13.42 21.75
N GLN A 155 9.71 -13.19 21.04
CA GLN A 155 9.48 -13.83 19.75
C GLN A 155 10.00 -12.94 18.63
N SER A 156 10.55 -13.58 17.60
CA SER A 156 11.07 -12.88 16.44
C SER A 156 10.97 -13.77 15.20
N GLY A 157 10.50 -13.19 14.10
CA GLY A 157 10.42 -13.91 12.82
C GLY A 157 9.13 -14.68 12.60
N ASN A 158 8.31 -14.81 13.64
CA ASN A 158 7.04 -15.52 13.55
C ASN A 158 5.82 -14.61 13.69
N SER A 159 6.00 -13.33 13.36
CA SER A 159 4.90 -12.37 13.38
C SER A 159 4.90 -11.52 12.13
N GLN A 160 3.72 -11.02 11.78
CA GLN A 160 3.56 -10.06 10.69
C GLN A 160 2.64 -8.96 11.15
N GLU A 161 2.82 -7.76 10.60
CA GLU A 161 2.02 -6.61 11.00
C GLU A 161 1.68 -5.72 9.81
N SER A 162 0.61 -4.93 9.94
CA SER A 162 0.31 -3.89 8.97
C SER A 162 -0.33 -2.67 9.65
N VAL A 163 -0.30 -1.55 8.93
CA VAL A 163 -0.73 -0.27 9.47
C VAL A 163 -1.75 0.32 8.50
N THR A 164 -2.79 0.92 9.04
CA THR A 164 -3.78 1.62 8.22
C THR A 164 -3.20 2.91 7.64
N GLU A 165 -3.79 3.39 6.56
CA GLU A 165 -3.49 4.75 6.06
C GLU A 165 -3.85 5.74 7.16
N GLN A 166 -3.15 6.86 7.19
CA GLN A 166 -3.47 7.93 8.12
C GLN A 166 -4.94 8.30 8.03
N ASP A 167 -5.60 8.40 9.18
CA ASP A 167 -7.02 8.72 9.25
C ASP A 167 -7.25 10.16 8.81
N SER A 168 -8.23 10.37 7.94
CA SER A 168 -8.48 11.70 7.35
C SER A 168 -9.11 12.68 8.33
N LYS A 169 -9.75 12.16 9.37
CA LYS A 169 -10.42 12.97 10.39
C LYS A 169 -9.51 13.31 11.57
N ASP A 170 -8.81 12.31 12.12
CA ASP A 170 -8.01 12.54 13.34
C ASP A 170 -6.49 12.41 13.18
N SER A 171 -6.03 12.11 11.96
CA SER A 171 -4.61 12.01 11.60
C SER A 171 -3.83 10.89 12.30
N THR A 172 -4.54 9.91 12.86
CA THR A 172 -3.89 8.81 13.54
C THR A 172 -3.67 7.58 12.65
N TYR A 173 -2.89 6.64 13.19
CA TYR A 173 -2.67 5.34 12.59
C TYR A 173 -3.18 4.26 13.53
N SER A 174 -3.42 3.07 12.97
CA SER A 174 -3.66 1.88 13.75
C SER A 174 -2.81 0.76 13.18
N LEU A 175 -2.41 -0.17 14.04
CA LEU A 175 -1.53 -1.26 13.64
C LEU A 175 -2.10 -2.58 14.14
N SER A 176 -2.07 -3.59 13.28
CA SER A 176 -2.47 -4.94 13.63
C SER A 176 -1.27 -5.87 13.47
N SER A 177 -0.99 -6.66 14.50
CA SER A 177 0.11 -7.61 14.48
C SER A 177 -0.38 -9.01 14.84
N THR A 178 0.00 -9.99 14.02
CA THR A 178 -0.37 -11.38 14.25
C THR A 178 0.86 -12.22 14.56
N LEU A 179 0.84 -12.86 15.72
CA LEU A 179 1.81 -13.89 16.05
C LEU A 179 1.22 -15.22 15.60
N THR A 180 1.97 -15.95 14.79
CA THR A 180 1.51 -17.25 14.30
C THR A 180 2.40 -18.37 14.82
N LEU A 181 1.76 -19.36 15.43
CA LEU A 181 2.45 -20.54 15.93
C LEU A 181 1.57 -21.77 15.74
N SER A 182 2.17 -22.95 15.77
CA SER A 182 1.41 -24.19 15.63
C SER A 182 0.52 -24.40 16.86
N LYS A 183 -0.52 -25.21 16.69
CA LYS A 183 -1.38 -25.58 17.81
C LYS A 183 -0.57 -26.21 18.94
N ALA A 184 0.35 -27.11 18.57
CA ALA A 184 1.21 -27.79 19.52
C ALA A 184 2.07 -26.81 20.33
N ASP A 185 2.66 -25.85 19.65
CA ASP A 185 3.45 -24.80 20.32
C ASP A 185 2.58 -23.96 21.25
N TYR A 186 1.41 -23.54 20.76
CA TYR A 186 0.49 -22.72 21.56
C TYR A 186 0.07 -23.40 22.88
N GLU A 187 -0.26 -24.69 22.79
CA GLU A 187 -0.74 -25.44 23.96
C GLU A 187 0.37 -25.83 24.94
N LYS A 188 1.63 -25.69 24.55
CA LYS A 188 2.75 -25.97 25.44
C LYS A 188 3.09 -24.81 26.38
N HIS A 189 2.57 -23.63 26.08
CA HIS A 189 2.93 -22.42 26.82
C HIS A 189 1.71 -21.70 27.38
N LYS A 190 1.92 -20.84 28.37
CA LYS A 190 0.80 -20.27 29.12
C LYS A 190 0.58 -18.76 28.90
N VAL A 191 1.63 -17.96 29.04
CA VAL A 191 1.48 -16.51 29.05
C VAL A 191 1.84 -15.88 27.71
N TYR A 192 0.85 -15.23 27.11
CA TYR A 192 1.02 -14.58 25.81
C TYR A 192 0.91 -13.09 25.99
N ALA A 193 1.96 -12.38 25.63
CA ALA A 193 2.07 -10.96 25.89
C ALA A 193 2.41 -10.16 24.65
N CYS A 194 1.73 -9.03 24.50
CA CYS A 194 2.07 -8.05 23.47
C CYS A 194 2.60 -6.79 24.15
N GLU A 195 3.89 -6.53 23.97
CA GLU A 195 4.55 -5.35 24.54
C GLU A 195 4.71 -4.26 23.49
N VAL A 196 4.16 -3.08 23.79
CA VAL A 196 4.13 -1.98 22.85
C VAL A 196 5.03 -0.82 23.30
N THR A 197 5.97 -0.46 22.44
CA THR A 197 6.81 0.71 22.63
C THR A 197 6.42 1.78 21.62
N HIS A 198 6.27 3.01 22.10
CA HIS A 198 5.86 4.14 21.27
C HIS A 198 6.25 5.44 21.96
N GLN A 199 6.61 6.44 21.16
CA GLN A 199 7.02 7.75 21.66
C GLN A 199 6.02 8.36 22.64
N GLY A 200 4.74 8.08 22.46
CA GLY A 200 3.68 8.60 23.29
C GLY A 200 3.53 7.94 24.66
N LEU A 201 4.17 6.78 24.83
CA LEU A 201 4.12 6.08 26.10
C LEU A 201 5.43 6.31 26.86
N SER A 202 5.33 6.73 28.11
CA SER A 202 6.53 6.95 28.92
C SER A 202 7.32 5.65 29.09
N SER A 203 6.62 4.53 29.25
CA SER A 203 7.25 3.22 29.25
C SER A 203 6.37 2.20 28.50
N PRO A 204 6.96 1.08 28.04
CA PRO A 204 6.19 0.11 27.24
C PRO A 204 4.91 -0.36 27.91
N VAL A 205 3.86 -0.52 27.10
CA VAL A 205 2.60 -1.07 27.59
C VAL A 205 2.48 -2.52 27.16
N THR A 206 2.16 -3.38 28.13
CA THR A 206 2.01 -4.79 27.87
C THR A 206 0.56 -5.22 28.13
N LYS A 207 -0.05 -5.86 27.13
CA LYS A 207 -1.31 -6.57 27.31
C LYS A 207 -1.02 -8.06 27.20
N SER A 208 -1.59 -8.83 28.12
CA SER A 208 -1.31 -10.27 28.18
C SER A 208 -2.53 -11.08 28.57
N PHE A 209 -2.47 -12.37 28.27
CA PHE A 209 -3.46 -13.33 28.74
C PHE A 209 -2.79 -14.66 29.04
N ASN A 210 -3.39 -15.43 29.94
CA ASN A 210 -3.03 -16.82 30.14
C ASN A 210 -3.92 -17.69 29.26
N ARG A 211 -3.30 -18.59 28.48
CA ARG A 211 -4.06 -19.49 27.61
C ARG A 211 -5.18 -20.16 28.42
N GLY A 212 -6.41 -20.01 27.94
CA GLY A 212 -7.60 -20.47 28.66
C GLY A 212 -8.55 -19.34 29.04
N GLU A 213 -8.01 -18.13 29.21
CA GLU A 213 -8.79 -16.97 29.63
C GLU A 213 -9.64 -16.39 28.50
N CYS A 214 -10.79 -15.83 28.88
CA CYS A 214 -11.75 -15.28 27.92
C CYS A 214 -12.39 -13.99 28.44
N GLU B 1 -10.98 15.17 -24.03
CA GLU B 1 -9.67 15.21 -23.31
C GLU B 1 -8.80 13.99 -23.58
N VAL B 2 -7.50 14.15 -23.31
CA VAL B 2 -6.52 13.08 -23.42
C VAL B 2 -6.81 12.01 -22.36
N GLN B 3 -6.95 10.77 -22.81
CA GLN B 3 -7.12 9.64 -21.90
C GLN B 3 -6.24 8.45 -22.27
N LEU B 4 -5.69 7.81 -21.25
CA LEU B 4 -5.00 6.54 -21.41
C LEU B 4 -5.72 5.48 -20.57
N VAL B 5 -6.21 4.43 -21.23
CA VAL B 5 -6.97 3.40 -20.53
C VAL B 5 -6.23 2.07 -20.63
N GLN B 6 -5.95 1.47 -19.47
CA GLN B 6 -5.20 0.23 -19.38
C GLN B 6 -6.12 -0.97 -19.14
N SER B 7 -5.67 -2.14 -19.54
CA SER B 7 -6.42 -3.38 -19.33
C SER B 7 -6.54 -3.76 -17.86
N GLY B 8 -7.44 -4.70 -17.57
CA GLY B 8 -7.76 -5.08 -16.18
C GLY B 8 -6.68 -5.84 -15.45
N ALA B 9 -6.85 -5.95 -14.13
CA ALA B 9 -5.91 -6.63 -13.24
C ALA B 9 -5.65 -8.08 -13.66
N GLU B 10 -4.40 -8.51 -13.47
CA GLU B 10 -3.98 -9.86 -13.86
C GLU B 10 -3.44 -10.62 -12.67
N VAL B 11 -3.87 -11.87 -12.53
CA VAL B 11 -3.36 -12.79 -11.51
C VAL B 11 -2.84 -14.00 -12.28
N LYS B 12 -1.53 -14.21 -12.19
CA LYS B 12 -0.84 -15.18 -13.03
C LYS B 12 0.05 -16.10 -12.20
N LYS B 13 0.54 -17.16 -12.86
CA LYS B 13 1.47 -18.11 -12.25
C LYS B 13 2.84 -17.94 -12.91
N PRO B 14 3.93 -18.24 -12.17
CA PRO B 14 5.26 -18.15 -12.78
C PRO B 14 5.37 -19.01 -14.04
N GLY B 15 6.11 -18.53 -15.03
CA GLY B 15 6.28 -19.24 -16.29
C GLY B 15 5.20 -18.98 -17.34
N GLU B 16 4.10 -18.36 -16.93
CA GLU B 16 3.03 -18.01 -17.86
C GLU B 16 3.39 -16.73 -18.63
N SER B 17 2.81 -16.57 -19.81
CA SER B 17 3.02 -15.37 -20.62
C SER B 17 1.92 -14.37 -20.34
N LEU B 18 2.16 -13.10 -20.69
CA LEU B 18 1.19 -12.04 -20.45
C LEU B 18 1.46 -10.85 -21.34
N LYS B 19 0.38 -10.28 -21.88
CA LYS B 19 0.46 -9.01 -22.58
C LYS B 19 -0.64 -8.08 -22.08
N ILE B 20 -0.22 -6.96 -21.52
CA ILE B 20 -1.16 -5.94 -21.05
C ILE B 20 -1.19 -4.78 -22.03
N SER B 21 -2.29 -4.02 -22.04
CA SER B 21 -2.46 -3.00 -23.06
C SER B 21 -2.78 -1.63 -22.49
N CYS B 22 -2.63 -0.62 -23.34
CA CYS B 22 -2.83 0.77 -22.99
C CYS B 22 -3.34 1.51 -24.22
N LYS B 23 -4.59 1.96 -24.16
CA LYS B 23 -5.20 2.65 -25.30
C LYS B 23 -5.29 4.15 -25.08
N GLY B 24 -4.82 4.91 -26.05
CA GLY B 24 -4.89 6.37 -26.03
C GLY B 24 -6.06 6.88 -26.84
N SER B 25 -6.73 7.90 -26.31
CA SER B 25 -7.83 8.57 -26.99
C SER B 25 -7.80 10.07 -26.68
N GLY B 26 -8.51 10.85 -27.49
CA GLY B 26 -8.58 12.30 -27.32
C GLY B 26 -7.36 13.05 -27.84
N TYR B 27 -6.56 12.36 -28.65
CA TYR B 27 -5.35 12.92 -29.26
C TYR B 27 -4.83 11.96 -30.34
N SER B 28 -3.86 12.42 -31.14
CA SER B 28 -3.24 11.57 -32.15
C SER B 28 -2.23 10.63 -31.51
N PHE B 29 -2.64 9.36 -31.40
CA PHE B 29 -1.83 8.34 -30.75
C PHE B 29 -0.45 8.13 -31.39
N THR B 30 -0.38 8.29 -32.71
CA THR B 30 0.87 8.12 -33.45
C THR B 30 1.79 9.35 -33.42
N SER B 31 1.40 10.38 -32.67
CA SER B 31 2.17 11.62 -32.59
C SER B 31 3.02 11.74 -31.33
N TYR B 32 2.76 10.89 -30.34
CA TYR B 32 3.43 10.97 -29.04
C TYR B 32 4.03 9.64 -28.60
N TRP B 33 5.20 9.71 -27.97
CA TRP B 33 5.82 8.55 -27.34
C TRP B 33 4.98 8.08 -26.15
N ILE B 34 4.95 6.77 -25.93
CA ILE B 34 4.27 6.18 -24.78
C ILE B 34 5.27 5.41 -23.93
N GLY B 35 5.36 5.77 -22.64
CA GLY B 35 6.25 5.08 -21.71
C GLY B 35 5.55 4.06 -20.83
N TRP B 36 6.31 3.05 -20.42
CA TRP B 36 5.84 2.06 -19.44
C TRP B 36 6.64 2.18 -18.14
N VAL B 37 5.92 2.22 -17.01
CA VAL B 37 6.50 2.46 -15.69
C VAL B 37 6.06 1.36 -14.72
N ARG B 38 7.04 0.75 -14.05
CA ARG B 38 6.76 -0.30 -13.05
C ARG B 38 6.76 0.24 -11.61
N GLN B 39 5.80 -0.21 -10.82
CA GLN B 39 5.77 0.11 -9.39
C GLN B 39 5.48 -1.14 -8.55
N MET B 40 6.52 -1.67 -7.92
CA MET B 40 6.38 -2.81 -7.03
C MET B 40 5.62 -2.40 -5.77
N PRO B 41 4.93 -3.36 -5.11
CA PRO B 41 4.10 -3.01 -3.94
C PRO B 41 4.89 -2.26 -2.86
N GLY B 42 4.39 -1.09 -2.49
CA GLY B 42 5.04 -0.24 -1.48
C GLY B 42 6.38 0.34 -1.89
N LYS B 43 6.73 0.23 -3.18
CA LYS B 43 8.01 0.70 -3.70
C LYS B 43 7.84 1.93 -4.60
N GLY B 44 8.96 2.41 -5.17
CA GLY B 44 8.97 3.59 -6.02
C GLY B 44 8.67 3.31 -7.49
N LEU B 45 8.73 4.36 -8.30
CA LEU B 45 8.47 4.27 -9.73
C LEU B 45 9.74 3.92 -10.49
N GLU B 46 9.62 3.04 -11.48
CA GLU B 46 10.75 2.65 -12.33
C GLU B 46 10.38 2.74 -13.80
N TRP B 47 11.21 3.44 -14.57
CA TRP B 47 11.04 3.55 -16.01
C TRP B 47 11.47 2.23 -16.65
N MET B 48 10.62 1.69 -17.52
CA MET B 48 10.88 0.39 -18.16
C MET B 48 11.31 0.57 -19.60
N GLY B 49 10.61 1.44 -20.31
CA GLY B 49 10.85 1.66 -21.73
C GLY B 49 9.83 2.58 -22.35
N ILE B 50 9.99 2.83 -23.66
CA ILE B 50 9.19 3.82 -24.35
C ILE B 50 9.01 3.43 -25.82
N ILE B 51 7.85 3.78 -26.39
CA ILE B 51 7.58 3.45 -27.79
C ILE B 51 6.87 4.60 -28.52
N TYR B 52 7.30 4.84 -29.75
CA TYR B 52 6.62 5.76 -30.65
C TYR B 52 5.72 4.91 -31.56
N PRO B 53 4.40 4.95 -31.32
CA PRO B 53 3.44 4.06 -32.02
C PRO B 53 3.36 4.27 -33.53
N GLY B 54 3.77 5.44 -34.00
CA GLY B 54 3.81 5.73 -35.44
C GLY B 54 4.65 4.73 -36.22
N ASP B 55 5.79 4.35 -35.67
CA ASP B 55 6.74 3.48 -36.37
C ASP B 55 7.27 2.34 -35.49
N SER B 56 6.77 2.26 -34.25
CA SER B 56 7.20 1.25 -33.26
C SER B 56 8.70 1.31 -32.89
N ASP B 57 9.28 2.49 -33.07
CA ASP B 57 10.62 2.80 -32.58
C ASP B 57 10.59 2.72 -31.04
N THR B 58 11.49 1.92 -30.47
CA THR B 58 11.44 1.56 -29.05
C THR B 58 12.78 1.75 -28.35
N ARG B 59 12.73 2.25 -27.12
CA ARG B 59 13.90 2.26 -26.23
C ARG B 59 13.55 1.48 -24.96
N TYR B 60 14.48 0.67 -24.49
CA TYR B 60 14.34 -0.01 -23.21
C TYR B 60 15.34 0.52 -22.21
N SER B 61 14.90 0.64 -20.95
CA SER B 61 15.82 0.80 -19.84
C SER B 61 16.70 -0.45 -19.76
N PRO B 62 18.00 -0.29 -19.43
CA PRO B 62 18.95 -1.41 -19.44
C PRO B 62 18.51 -2.59 -18.57
N SER B 63 17.86 -2.30 -17.45
CA SER B 63 17.37 -3.31 -16.52
C SER B 63 16.21 -4.16 -17.08
N PHE B 64 15.53 -3.64 -18.10
CA PHE B 64 14.35 -4.31 -18.66
C PHE B 64 14.55 -4.79 -20.09
N GLN B 65 15.64 -4.33 -20.71
CA GLN B 65 16.08 -4.82 -22.01
C GLN B 65 16.20 -6.34 -21.96
N GLY B 66 15.54 -7.03 -22.89
CA GLY B 66 15.54 -8.49 -22.92
C GLY B 66 14.62 -9.18 -21.92
N GLN B 67 14.09 -8.42 -20.96
CA GLN B 67 13.13 -8.95 -19.99
C GLN B 67 11.70 -8.85 -20.50
N VAL B 68 11.38 -7.72 -21.13
CA VAL B 68 10.05 -7.45 -21.67
C VAL B 68 10.10 -7.05 -23.14
N THR B 69 8.97 -7.18 -23.81
CA THR B 69 8.78 -6.60 -25.14
C THR B 69 7.70 -5.53 -25.07
N ILE B 70 8.05 -4.34 -25.53
CA ILE B 70 7.11 -3.25 -25.69
C ILE B 70 6.76 -3.15 -27.17
N SER B 71 5.48 -3.03 -27.47
CA SER B 71 5.00 -2.96 -28.85
C SER B 71 3.77 -2.07 -28.92
N ALA B 72 3.22 -1.92 -30.13
CA ALA B 72 2.05 -1.09 -30.36
C ALA B 72 1.27 -1.52 -31.61
N ASP B 73 -0.05 -1.35 -31.55
CA ASP B 73 -0.91 -1.53 -32.70
C ASP B 73 -1.61 -0.20 -32.95
N LYS B 74 -1.10 0.57 -33.91
CA LYS B 74 -1.60 1.90 -34.18
C LYS B 74 -2.99 1.91 -34.81
N SER B 75 -3.36 0.82 -35.48
CA SER B 75 -4.69 0.70 -36.09
C SER B 75 -5.80 0.73 -35.04
N ILE B 76 -5.47 0.35 -33.80
CA ILE B 76 -6.41 0.40 -32.68
C ILE B 76 -5.91 1.30 -31.53
N SER B 77 -4.93 2.15 -31.84
CA SER B 77 -4.39 3.15 -30.89
C SER B 77 -3.94 2.57 -29.56
N THR B 78 -3.26 1.43 -29.61
CA THR B 78 -2.90 0.68 -28.41
C THR B 78 -1.41 0.37 -28.32
N ALA B 79 -0.83 0.59 -27.14
CA ALA B 79 0.54 0.16 -26.85
C ALA B 79 0.50 -1.06 -25.93
N TYR B 80 1.51 -1.90 -26.02
CA TYR B 80 1.55 -3.14 -25.26
C TYR B 80 2.82 -3.29 -24.43
N LEU B 81 2.69 -4.02 -23.32
CA LEU B 81 3.82 -4.51 -22.56
C LEU B 81 3.63 -6.01 -22.37
N GLN B 82 4.67 -6.80 -22.69
CA GLN B 82 4.51 -8.25 -22.63
C GLN B 82 5.71 -9.03 -22.05
N TRP B 83 5.40 -10.15 -21.40
CA TRP B 83 6.38 -11.09 -20.88
C TRP B 83 6.10 -12.46 -21.48
N SER B 84 7.16 -13.19 -21.82
CA SER B 84 7.00 -14.55 -22.32
C SER B 84 6.97 -15.56 -21.17
N SER B 85 7.70 -15.25 -20.10
CA SER B 85 7.77 -16.11 -18.93
C SER B 85 7.80 -15.26 -17.65
N LEU B 86 6.64 -15.13 -17.01
CA LEU B 86 6.51 -14.33 -15.79
C LEU B 86 7.24 -14.94 -14.60
N LYS B 87 7.76 -14.08 -13.73
CA LYS B 87 8.32 -14.48 -12.45
C LYS B 87 7.52 -13.79 -11.35
N ALA B 88 7.59 -14.32 -10.13
CA ALA B 88 6.86 -13.73 -8.99
C ALA B 88 7.31 -12.30 -8.71
N SER B 89 8.59 -12.04 -8.97
CA SER B 89 9.19 -10.70 -8.85
C SER B 89 8.66 -9.70 -9.90
N ASP B 90 7.88 -10.19 -10.86
CA ASP B 90 7.17 -9.31 -11.81
C ASP B 90 5.89 -8.72 -11.20
N THR B 91 5.51 -9.19 -10.01
CA THR B 91 4.36 -8.64 -9.28
C THR B 91 4.56 -7.14 -9.07
N ALA B 92 3.62 -6.35 -9.58
CA ALA B 92 3.73 -4.90 -9.57
C ALA B 92 2.51 -4.23 -10.19
N MET B 93 2.40 -2.93 -9.96
CA MET B 93 1.48 -2.10 -10.72
C MET B 93 2.23 -1.55 -11.93
N TYR B 94 1.62 -1.64 -13.11
CA TYR B 94 2.22 -1.13 -14.34
C TYR B 94 1.41 0.02 -14.91
N TYR B 95 2.08 1.15 -15.09
CA TYR B 95 1.48 2.35 -15.68
C TYR B 95 2.01 2.60 -17.07
N CYS B 96 1.12 2.99 -17.97
CA CYS B 96 1.53 3.63 -19.21
C CYS B 96 1.35 5.14 -19.05
N ALA B 97 2.16 5.91 -19.76
CA ALA B 97 2.10 7.37 -19.69
C ALA B 97 2.51 8.01 -21.01
N ARG B 98 1.86 9.12 -21.35
CA ARG B 98 2.23 9.88 -22.55
C ARG B 98 3.41 10.79 -22.25
N TYR B 99 4.38 10.76 -23.15
CA TYR B 99 5.61 11.54 -23.05
C TYR B 99 5.52 12.72 -24.03
N ASP B 100 5.71 13.92 -23.52
CA ASP B 100 5.73 15.12 -24.37
C ASP B 100 7.18 15.53 -24.67
N GLY B 101 7.49 15.64 -25.96
CA GLY B 101 8.88 15.76 -26.43
C GLY B 101 9.66 17.02 -26.11
N ILE B 102 8.96 18.10 -25.77
CA ILE B 102 9.60 19.39 -25.53
C ILE B 102 10.45 19.41 -24.25
N TYR B 103 9.86 19.06 -23.13
CA TYR B 103 10.55 19.04 -21.84
C TYR B 103 10.71 17.62 -21.28
N GLY B 104 10.11 16.65 -21.98
CA GLY B 104 10.24 15.24 -21.61
C GLY B 104 9.36 14.77 -20.47
N GLU B 105 8.32 15.55 -20.15
CA GLU B 105 7.43 15.22 -19.05
C GLU B 105 6.43 14.11 -19.43
N LEU B 106 5.99 13.35 -18.43
CA LEU B 106 4.91 12.39 -18.59
C LEU B 106 3.61 13.04 -18.11
N ASP B 107 2.88 13.64 -19.03
CA ASP B 107 1.79 14.56 -18.68
C ASP B 107 0.43 13.89 -18.43
N PHE B 108 0.21 12.74 -19.06
CA PHE B 108 -1.03 11.97 -18.85
C PHE B 108 -0.71 10.51 -18.59
N TRP B 109 -1.39 9.94 -17.60
CA TRP B 109 -1.10 8.58 -17.16
C TRP B 109 -2.33 7.68 -17.26
N GLY B 110 -2.10 6.40 -17.52
CA GLY B 110 -3.15 5.39 -17.43
C GLY B 110 -3.49 5.16 -15.96
N GLN B 111 -4.59 4.43 -15.71
CA GLN B 111 -5.03 4.18 -14.35
C GLN B 111 -4.19 3.08 -13.68
N GLY B 112 -3.42 2.37 -14.49
CA GLY B 112 -2.57 1.28 -14.00
C GLY B 112 -3.19 -0.09 -14.16
N THR B 113 -2.32 -1.07 -14.41
CA THR B 113 -2.70 -2.47 -14.40
C THR B 113 -1.93 -3.17 -13.30
N LEU B 114 -2.64 -3.82 -12.39
CA LEU B 114 -2.01 -4.60 -11.33
C LEU B 114 -1.76 -6.02 -11.81
N VAL B 115 -0.49 -6.43 -11.79
CA VAL B 115 -0.12 -7.80 -12.13
C VAL B 115 0.39 -8.52 -10.88
N THR B 116 -0.28 -9.62 -10.54
CA THR B 116 0.12 -10.45 -9.41
C THR B 116 0.59 -11.79 -9.95
N VAL B 117 1.84 -12.13 -9.67
CA VAL B 117 2.40 -13.40 -10.10
C VAL B 117 2.77 -14.23 -8.87
N SER B 118 2.17 -15.41 -8.77
CA SER B 118 2.37 -16.31 -7.63
C SER B 118 2.07 -17.75 -8.00
N SER B 119 2.80 -18.67 -7.38
CA SER B 119 2.55 -20.10 -7.52
C SER B 119 1.33 -20.55 -6.70
N ALA B 120 0.82 -19.64 -5.87
CA ALA B 120 -0.38 -19.90 -5.07
C ALA B 120 -1.60 -20.04 -5.96
N SER B 121 -2.59 -20.79 -5.49
CA SER B 121 -3.84 -21.02 -6.21
C SER B 121 -5.03 -20.36 -5.49
N THR B 122 -6.08 -20.08 -6.24
CA THR B 122 -7.31 -19.50 -5.70
C THR B 122 -7.81 -20.28 -4.49
N LYS B 123 -8.02 -19.56 -3.39
CA LYS B 123 -8.48 -20.16 -2.15
C LYS B 123 -9.29 -19.16 -1.34
N GLY B 124 -10.48 -19.59 -0.90
CA GLY B 124 -11.35 -18.78 -0.05
C GLY B 124 -10.85 -18.66 1.39
N PRO B 125 -11.21 -17.55 2.06
CA PRO B 125 -10.74 -17.32 3.42
C PRO B 125 -11.50 -18.12 4.47
N SER B 126 -10.81 -18.40 5.58
CA SER B 126 -11.47 -18.78 6.81
C SER B 126 -11.62 -17.51 7.62
N VAL B 127 -12.77 -17.36 8.29
CA VAL B 127 -13.02 -16.16 9.08
C VAL B 127 -13.13 -16.53 10.55
N PHE B 128 -12.19 -16.03 11.36
CA PHE B 128 -12.15 -16.31 12.78
C PHE B 128 -12.48 -15.07 13.60
N PRO B 129 -13.14 -15.24 14.76
CA PRO B 129 -13.49 -14.07 15.58
C PRO B 129 -12.29 -13.55 16.35
N LEU B 130 -12.22 -12.22 16.47
CA LEU B 130 -11.36 -11.58 17.44
C LEU B 130 -12.31 -11.12 18.54
N ALA B 131 -12.43 -11.94 19.58
CA ALA B 131 -13.49 -11.82 20.58
C ALA B 131 -13.24 -10.73 21.61
N PRO B 132 -14.28 -9.95 21.95
CA PRO B 132 -14.19 -8.98 23.05
C PRO B 132 -14.24 -9.69 24.41
N SER B 133 -13.82 -8.98 25.46
CA SER B 133 -13.85 -9.54 26.82
C SER B 133 -15.27 -9.86 27.29
N SER B 134 -15.40 -10.90 28.12
CA SER B 134 -16.68 -11.29 28.71
C SER B 134 -16.81 -10.85 30.17
N LYS B 135 -15.73 -10.32 30.74
CA LYS B 135 -15.73 -9.84 32.12
C LYS B 135 -15.51 -8.33 32.17
N GLY B 140 -15.90 2.35 29.42
CA GLY B 140 -14.87 1.47 28.89
C GLY B 140 -15.01 1.24 27.39
N THR B 141 -13.87 1.25 26.71
CA THR B 141 -13.81 0.97 25.27
C THR B 141 -13.27 -0.43 25.01
N ALA B 142 -14.06 -1.22 24.29
CA ALA B 142 -13.69 -2.59 23.95
C ALA B 142 -13.39 -2.68 22.47
N ALA B 143 -12.51 -3.62 22.10
CA ALA B 143 -12.26 -3.92 20.70
C ALA B 143 -12.68 -5.35 20.38
N LEU B 144 -13.17 -5.53 19.16
CA LEU B 144 -13.55 -6.85 18.65
C LEU B 144 -13.27 -6.83 17.16
N GLY B 145 -13.29 -8.00 16.52
CA GLY B 145 -13.05 -8.05 15.09
C GLY B 145 -13.09 -9.39 14.41
N CYS B 146 -12.60 -9.43 13.18
CA CYS B 146 -12.52 -10.66 12.40
C CYS B 146 -11.14 -10.85 11.80
N LEU B 147 -10.62 -12.08 11.91
CA LEU B 147 -9.39 -12.45 11.24
C LEU B 147 -9.75 -13.22 9.97
N VAL B 148 -9.44 -12.61 8.82
CA VAL B 148 -9.76 -13.19 7.51
C VAL B 148 -8.51 -13.87 6.96
N LYS B 149 -8.42 -15.18 7.18
CA LYS B 149 -7.15 -15.90 7.04
C LYS B 149 -7.09 -16.90 5.89
N ASP B 150 -5.91 -16.94 5.26
CA ASP B 150 -5.55 -17.96 4.25
C ASP B 150 -6.39 -17.88 2.99
N TYR B 151 -6.35 -16.73 2.31
CA TYR B 151 -7.03 -16.57 1.04
C TYR B 151 -6.06 -16.16 -0.08
N PHE B 152 -6.46 -16.44 -1.31
CA PHE B 152 -5.73 -15.98 -2.50
C PHE B 152 -6.68 -15.94 -3.70
N PRO B 153 -6.60 -14.88 -4.53
CA PRO B 153 -5.75 -13.70 -4.37
C PRO B 153 -6.48 -12.58 -3.62
N GLU B 154 -5.81 -11.45 -3.44
CA GLU B 154 -6.48 -10.21 -3.06
C GLU B 154 -7.47 -9.88 -4.17
N PRO B 155 -8.55 -9.13 -3.84
CA PRO B 155 -8.88 -8.58 -2.53
C PRO B 155 -10.04 -9.30 -1.83
N VAL B 156 -10.27 -8.94 -0.57
CA VAL B 156 -11.54 -9.23 0.10
C VAL B 156 -12.23 -7.92 0.45
N THR B 157 -13.55 -7.97 0.63
CA THR B 157 -14.28 -6.82 1.18
C THR B 157 -14.76 -7.18 2.57
N VAL B 158 -14.73 -6.21 3.48
CA VAL B 158 -15.25 -6.40 4.83
C VAL B 158 -16.16 -5.23 5.18
N SER B 159 -17.37 -5.54 5.63
CA SER B 159 -18.25 -4.56 6.24
C SER B 159 -18.66 -5.05 7.63
N TRP B 160 -19.28 -4.18 8.41
CA TRP B 160 -19.79 -4.57 9.72
C TRP B 160 -21.28 -4.29 9.80
N ASN B 161 -22.03 -5.27 10.29
CA ASN B 161 -23.49 -5.17 10.38
C ASN B 161 -24.13 -4.71 9.07
N SER B 162 -23.70 -5.34 7.98
CA SER B 162 -24.17 -5.07 6.62
C SER B 162 -24.01 -3.60 6.17
N GLY B 163 -23.00 -2.93 6.72
CA GLY B 163 -22.75 -1.52 6.39
C GLY B 163 -23.33 -0.52 7.38
N ALA B 164 -24.10 -1.02 8.35
CA ALA B 164 -24.71 -0.16 9.38
C ALA B 164 -23.71 0.29 10.46
N LEU B 165 -22.58 -0.40 10.54
CA LEU B 165 -21.52 -0.05 11.48
C LEU B 165 -20.24 0.36 10.75
N THR B 166 -19.90 1.64 10.81
CA THR B 166 -18.72 2.19 10.13
C THR B 166 -17.80 2.91 11.09
N SER B 167 -18.36 3.41 12.19
CA SER B 167 -17.63 4.18 13.18
C SER B 167 -16.68 3.29 13.98
N GLY B 168 -15.42 3.72 14.08
CA GLY B 168 -14.39 2.99 14.81
C GLY B 168 -13.86 1.76 14.12
N VAL B 169 -14.24 1.57 12.85
CA VAL B 169 -13.83 0.39 12.09
C VAL B 169 -12.45 0.64 11.46
N HIS B 170 -11.56 -0.33 11.64
CA HIS B 170 -10.29 -0.35 10.94
C HIS B 170 -10.11 -1.69 10.25
N THR B 171 -10.08 -1.66 8.92
CA THR B 171 -9.77 -2.84 8.13
C THR B 171 -8.35 -2.65 7.59
N PHE B 172 -7.46 -3.54 8.02
CA PHE B 172 -6.03 -3.40 7.78
C PHE B 172 -5.62 -3.94 6.41
N PRO B 173 -4.48 -3.46 5.87
CA PRO B 173 -3.94 -4.09 4.67
C PRO B 173 -3.58 -5.53 4.98
N ALA B 174 -3.82 -6.41 4.01
CA ALA B 174 -3.48 -7.82 4.15
C ALA B 174 -1.97 -8.00 4.23
N VAL B 175 -1.54 -9.05 4.91
CA VAL B 175 -0.15 -9.48 4.85
C VAL B 175 -0.05 -10.77 4.06
N LEU B 176 1.07 -10.93 3.34
CA LEU B 176 1.33 -12.14 2.58
C LEU B 176 2.14 -13.10 3.44
N GLN B 177 1.57 -14.25 3.72
CA GLN B 177 2.21 -15.27 4.54
C GLN B 177 3.20 -16.08 3.70
N SER B 178 4.15 -16.74 4.37
CA SER B 178 5.16 -17.56 3.67
C SER B 178 4.50 -18.68 2.85
N SER B 179 3.30 -19.09 3.24
CA SER B 179 2.51 -20.05 2.49
C SER B 179 2.06 -19.53 1.12
N GLY B 180 2.18 -18.22 0.92
CA GLY B 180 1.70 -17.57 -0.30
C GLY B 180 0.24 -17.16 -0.24
N LEU B 181 -0.38 -17.34 0.93
CA LEU B 181 -1.77 -16.94 1.14
C LEU B 181 -1.81 -15.69 1.99
N TYR B 182 -2.86 -14.89 1.81
CA TYR B 182 -3.01 -13.64 2.54
C TYR B 182 -3.77 -13.80 3.84
N SER B 183 -3.56 -12.85 4.74
CA SER B 183 -4.24 -12.80 6.02
C SER B 183 -4.52 -11.34 6.34
N LEU B 184 -5.74 -11.06 6.77
CA LEU B 184 -6.20 -9.69 6.98
C LEU B 184 -7.03 -9.64 8.26
N SER B 185 -6.90 -8.54 9.01
CA SER B 185 -7.77 -8.31 10.15
C SER B 185 -8.66 -7.09 9.93
N SER B 186 -9.87 -7.15 10.48
CA SER B 186 -10.77 -6.00 10.53
C SER B 186 -11.29 -5.89 11.96
N VAL B 187 -11.12 -4.71 12.55
CA VAL B 187 -11.49 -4.48 13.95
C VAL B 187 -12.46 -3.32 14.08
N VAL B 188 -13.12 -3.24 15.23
CA VAL B 188 -13.94 -2.10 15.59
C VAL B 188 -13.88 -1.89 17.10
N THR B 189 -13.76 -0.63 17.51
CA THR B 189 -13.86 -0.27 18.93
C THR B 189 -15.28 0.16 19.24
N VAL B 190 -15.81 -0.34 20.37
CA VAL B 190 -17.19 -0.12 20.78
C VAL B 190 -17.27 0.17 22.28
N PRO B 191 -18.42 0.67 22.78
CA PRO B 191 -18.59 0.73 24.23
C PRO B 191 -18.66 -0.68 24.82
N SER B 192 -17.97 -0.91 25.93
CA SER B 192 -18.00 -2.22 26.60
C SER B 192 -19.38 -2.56 27.17
N SER B 193 -20.19 -1.53 27.37
CA SER B 193 -21.56 -1.70 27.86
C SER B 193 -22.53 -2.22 26.79
N SER B 194 -22.15 -2.07 25.52
CA SER B 194 -22.96 -2.55 24.40
C SER B 194 -22.79 -4.06 24.15
N LEU B 195 -21.77 -4.65 24.78
CA LEU B 195 -21.37 -6.03 24.50
C LEU B 195 -22.45 -7.09 24.78
N GLY B 196 -23.27 -6.85 25.80
CA GLY B 196 -24.33 -7.78 26.16
C GLY B 196 -25.52 -7.75 25.21
N THR B 197 -25.78 -6.58 24.61
CA THR B 197 -26.99 -6.36 23.83
C THR B 197 -26.78 -6.27 22.32
N GLN B 198 -25.82 -5.46 21.89
CA GLN B 198 -25.60 -5.21 20.46
C GLN B 198 -24.95 -6.38 19.72
N THR B 199 -25.54 -6.77 18.60
CA THR B 199 -25.00 -7.82 17.74
C THR B 199 -23.94 -7.23 16.81
N TYR B 200 -22.81 -7.91 16.71
CA TYR B 200 -21.72 -7.53 15.83
C TYR B 200 -21.36 -8.65 14.86
N ILE B 201 -21.56 -8.38 13.58
CA ILE B 201 -21.31 -9.36 12.53
C ILE B 201 -20.42 -8.75 11.45
N CYS B 202 -19.33 -9.44 11.11
CA CYS B 202 -18.51 -9.02 9.98
C CYS B 202 -18.93 -9.75 8.71
N ASN B 203 -19.14 -8.99 7.64
CA ASN B 203 -19.50 -9.52 6.34
C ASN B 203 -18.29 -9.55 5.44
N VAL B 204 -17.81 -10.75 5.15
CA VAL B 204 -16.61 -10.94 4.37
C VAL B 204 -16.98 -11.52 3.01
N ASN B 205 -16.44 -10.95 1.95
CA ASN B 205 -16.62 -11.49 0.61
C ASN B 205 -15.31 -11.58 -0.15
N HIS B 206 -15.06 -12.75 -0.72
CA HIS B 206 -13.89 -12.99 -1.56
C HIS B 206 -14.39 -13.46 -2.92
N LYS B 207 -14.52 -12.51 -3.84
CA LYS B 207 -15.10 -12.76 -5.17
C LYS B 207 -14.36 -13.82 -5.99
N PRO B 208 -13.01 -13.79 -6.04
CA PRO B 208 -12.30 -14.76 -6.89
C PRO B 208 -12.58 -16.23 -6.58
N SER B 209 -12.88 -16.56 -5.32
CA SER B 209 -13.22 -17.94 -4.94
C SER B 209 -14.71 -18.10 -4.68
N ASN B 210 -15.48 -17.03 -4.89
CA ASN B 210 -16.91 -16.98 -4.58
C ASN B 210 -17.22 -17.42 -3.15
N THR B 211 -16.45 -16.89 -2.20
CA THR B 211 -16.61 -17.24 -0.79
C THR B 211 -17.15 -16.04 -0.04
N LYS B 212 -18.41 -16.14 0.40
CA LYS B 212 -19.07 -15.11 1.18
C LYS B 212 -19.36 -15.66 2.57
N VAL B 213 -18.92 -14.92 3.60
CA VAL B 213 -19.01 -15.39 4.99
C VAL B 213 -19.50 -14.26 5.92
N ASP B 214 -20.49 -14.57 6.74
CA ASP B 214 -20.87 -13.71 7.86
C ASP B 214 -20.48 -14.35 9.18
N LYS B 215 -19.72 -13.62 10.00
CA LYS B 215 -19.27 -14.13 11.28
C LYS B 215 -19.76 -13.24 12.42
N LYS B 216 -20.60 -13.81 13.29
CA LYS B 216 -21.03 -13.11 14.50
C LYS B 216 -19.92 -13.17 15.54
N VAL B 217 -19.56 -12.00 16.08
CA VAL B 217 -18.48 -11.89 17.06
C VAL B 217 -19.05 -11.45 18.41
N GLU B 218 -18.81 -12.25 19.44
CA GLU B 218 -19.31 -11.96 20.78
C GLU B 218 -18.34 -12.45 21.86
N PRO B 219 -18.50 -11.96 23.10
CA PRO B 219 -17.69 -12.46 24.22
C PRO B 219 -17.84 -13.97 24.38
N LYS B 220 -16.73 -14.64 24.68
CA LYS B 220 -16.70 -16.08 24.87
C LYS B 220 -17.03 -16.42 26.33
N SER B 221 -17.40 -17.68 26.58
CA SER B 221 -17.70 -18.14 27.94
C SER B 221 -16.64 -19.07 28.50
N CYS B 222 -16.37 -18.94 29.80
CA CYS B 222 -15.39 -19.78 30.49
C CYS B 222 -16.04 -20.59 31.61
C3' NHE C . -13.24 -4.05 28.48
C2' NHE C . -11.89 -4.76 28.40
C1' NHE C . -10.83 -3.93 27.66
C6' NHE C . -10.65 -2.60 28.41
N NHE C . -9.58 -4.67 27.53
C1 NHE C . -8.43 -4.05 27.23
C2 NHE C . -7.31 -4.65 26.80
S NHE C . -7.12 -6.18 26.52
O1 NHE C . -7.41 -6.45 25.09
O2 NHE C . -5.70 -6.52 26.78
O3 NHE C . -7.98 -7.02 27.38
C5' NHE C . -11.99 -1.91 28.59
C4' NHE C . -13.07 -2.62 28.96
S SO4 D . 14.26 4.26 -12.02
O1 SO4 D . 14.31 2.87 -12.48
O2 SO4 D . 15.59 4.82 -11.99
O3 SO4 D . 13.71 4.29 -10.66
O4 SO4 D . 13.40 5.03 -12.92
C1 GOL E . -1.51 -8.30 10.49
O1 GOL E . -2.16 -8.62 11.71
C2 GOL E . -2.47 -8.38 9.30
O2 GOL E . -3.01 -9.67 9.19
C3 GOL E . -3.60 -7.37 9.41
O3 GOL E . -4.26 -7.27 8.15
C1 GOL F . -14.49 -20.48 17.61
O1 GOL F . -14.88 -19.89 16.39
C2 GOL F . -14.86 -19.52 18.74
O2 GOL F . -16.25 -19.36 18.78
C3 GOL F . -14.38 -20.13 20.06
O3 GOL F . -13.18 -19.52 20.44
C1 GOL G . 20.42 20.94 -22.18
O1 GOL G . 21.77 20.87 -21.79
C2 GOL G . 20.13 22.35 -22.71
O2 GOL G . 21.02 22.66 -23.75
C3 GOL G . 18.70 22.45 -23.20
O3 GOL G . 18.15 23.67 -22.76
C3' NHE H . -28.30 -13.00 7.77
C2' NHE H . -27.30 -12.87 6.61
C1' NHE H . -26.62 -11.50 6.59
C6' NHE H . -25.91 -11.24 7.92
N NHE H . -25.67 -11.42 5.48
C1 NHE H . -25.44 -10.24 4.91
C2 NHE H . -24.52 -10.10 3.96
S NHE H . -24.27 -8.68 3.30
O1 NHE H . -23.35 -8.84 2.15
O2 NHE H . -25.53 -8.08 2.85
O3 NHE H . -23.64 -7.78 4.29
C5' NHE H . -26.88 -11.42 9.07
C4' NHE H . -27.72 -12.47 9.07
C3' NHE I . -7.84 -11.72 26.74
C2' NHE I . -8.09 -10.27 26.30
C1' NHE I . -9.21 -10.14 25.26
C6' NHE I . -10.49 -10.81 25.76
N NHE I . -9.44 -8.72 25.00
C1 NHE I . -9.74 -8.25 23.77
C2 NHE I . -10.55 -7.20 23.57
S NHE I . -11.28 -6.40 24.71
O1 NHE I . -12.70 -6.78 24.70
O2 NHE I . -10.69 -6.74 26.03
O3 NHE I . -11.19 -4.94 24.48
C5' NHE I . -10.21 -12.19 26.32
C4' NHE I . -9.14 -12.40 27.09
S SO4 J . 18.43 8.44 -27.47
O1 SO4 J . 18.12 7.35 -26.54
O2 SO4 J . 19.68 8.14 -28.18
O3 SO4 J . 17.35 8.57 -28.45
O4 SO4 J . 18.58 9.70 -26.74
S SO4 K . -2.71 16.22 -30.99
O1 SO4 K . -4.09 15.73 -30.88
O2 SO4 K . -1.85 15.15 -31.50
O3 SO4 K . -2.24 16.62 -29.66
O4 SO4 K . -2.68 17.36 -31.88
C1 GOL L . 14.66 10.73 -28.53
O1 GOL L . 14.85 10.33 -29.86
C2 GOL L . 13.80 9.71 -27.80
O2 GOL L . 14.58 8.97 -26.90
C3 GOL L . 12.69 10.43 -27.03
O3 GOL L . 12.13 9.57 -26.08
C1 GOL M . -0.96 -11.61 -27.41
O1 GOL M . -0.60 -11.87 -26.07
C2 GOL M . -0.04 -12.36 -28.36
O2 GOL M . 0.55 -13.45 -27.70
C3 GOL M . -0.85 -12.88 -29.55
O3 GOL M . -0.99 -11.86 -30.53
C1 GOL N . -18.63 0.43 31.17
O1 GOL N . -19.59 0.51 32.20
C2 GOL N . -17.24 0.20 31.75
O2 GOL N . -16.94 1.18 32.71
C3 GOL N . -17.12 -1.19 32.36
O3 GOL N . -15.83 -1.71 32.14
C1 GOL O . -11.14 2.41 28.04
O1 GOL O . -11.12 1.62 29.21
C2 GOL O . -11.17 3.89 28.42
O2 GOL O . -10.39 4.62 27.50
C3 GOL O . -12.61 4.40 28.43
O3 GOL O . -12.99 4.80 27.12
#